data_6Z51
#
_entry.id   6Z51
#
_cell.length_a   89.020
_cell.length_b   62.240
_cell.length_c   75.690
_cell.angle_alpha   90.000
_cell.angle_beta   97.790
_cell.angle_gamma   90.000
#
_symmetry.space_group_name_H-M   'C 1 2 1'
#
loop_
_entity.id
_entity.type
_entity.pdbx_description
1 polymer 'Dual specificity protein kinase CLK3'
2 non-polymer 'PHOSPHATE ION'
3 non-polymer 1,2-ETHANEDIOL
4 non-polymer N-cyclopentyl-2-[(11,15-dimethyl-10-oxo-8-oxa-2,11,15,19,21,23-hexazatetracyclo[15.6.1.13,7.020,24]pentacosa-1(23),3(25),4,6,17,20(24),21-heptaen-6-yl)oxy]acetamide
5 water water
#
_entity_poly.entity_id   1
_entity_poly.type   'polypeptide(L)'
_entity_poly.pdbx_seq_one_letter_code
;SMQSSKRSSRSVEDDKEGHLVCRIGDWLQERYEIVGNLGEGTFGKVVECLDHARGKSQVALKIIRNVGKYREAARLEINV
LKKIKEKDKENKFLCVLMSDWFNFHGHMCIAFELLGKNTFEFLKENNFQPYPLPHVRHMAYQLCHALRFLHENQLTHTDL
KPENILFVNSEFETLYNEHKSCEEKSVKNTSIRVADFGSATFDHEHHTTIVATRHYRPPEVILELGWAQPCDVWSIGCIL
FEYYRGFTLFQTHENREHLVMMEKILGPIPSHMIHRTRKQKYFYKGGLVWDENSSDGRYVKENCKPLKSYMLQDSLEHVQ
LFDLMRRMLEFDPAQRITLAEALLHPFFAGLTPEERSFHT
;
_entity_poly.pdbx_strand_id   A
#
# COMPACT_ATOMS: atom_id res chain seq x y z
N ARG A 10 -7.64 29.75 24.59
CA ARG A 10 -7.94 28.45 23.96
C ARG A 10 -7.24 27.29 24.70
N SER A 11 -7.95 26.61 25.60
CA SER A 11 -7.51 25.27 26.04
C SER A 11 -7.34 24.37 24.82
N VAL A 12 -6.39 23.42 24.89
CA VAL A 12 -6.26 22.35 23.93
C VAL A 12 -7.22 21.26 24.43
N GLU A 13 -8.04 20.73 23.55
CA GLU A 13 -9.05 19.75 23.97
C GLU A 13 -8.80 18.48 23.17
N ASP A 14 -8.91 17.34 23.84
CA ASP A 14 -8.91 16.04 23.18
C ASP A 14 -10.30 15.41 23.34
N ASP A 15 -10.80 14.67 22.36
CA ASP A 15 -12.02 13.89 22.57
C ASP A 15 -11.73 12.62 23.36
N LYS A 16 -12.78 11.82 23.54
CA LYS A 16 -12.70 10.62 24.38
C LYS A 16 -11.73 9.54 23.86
N GLU A 17 -11.39 9.57 22.57
CA GLU A 17 -10.42 8.59 22.06
CA GLU A 17 -10.43 8.63 21.96
C GLU A 17 -8.99 9.18 22.00
N GLY A 18 -8.78 10.37 22.56
CA GLY A 18 -7.47 11.03 22.49
C GLY A 18 -7.19 11.84 21.22
N HIS A 19 -8.18 12.05 20.36
CA HIS A 19 -7.93 12.84 19.12
C HIS A 19 -7.90 14.29 19.48
N LEU A 20 -7.06 15.06 18.82
CA LEU A 20 -7.08 16.50 19.04
C LEU A 20 -8.38 17.12 18.47
N VAL A 21 -9.04 17.98 19.23
CA VAL A 21 -10.16 18.76 18.69
C VAL A 21 -9.54 19.89 17.92
N CYS A 22 -9.72 19.85 16.60
CA CYS A 22 -9.10 20.79 15.66
C CYS A 22 -10.11 21.69 14.99
N ARG A 23 -9.77 22.97 14.92
CA ARG A 23 -10.62 23.97 14.32
C ARG A 23 -9.86 24.76 13.24
N ILE A 24 -10.52 25.01 12.14
CA ILE A 24 -10.09 25.96 11.13
C ILE A 24 -9.78 27.32 11.77
N GLY A 25 -8.58 27.82 11.52
CA GLY A 25 -8.11 29.08 12.08
C GLY A 25 -7.08 28.87 13.17
N ASP A 26 -7.09 27.70 13.78
CA ASP A 26 -6.12 27.38 14.81
C ASP A 26 -4.71 27.27 14.24
N TRP A 27 -3.74 27.73 15.04
CA TRP A 27 -2.31 27.63 14.75
C TRP A 27 -1.63 26.67 15.70
N LEU A 28 -0.62 25.99 15.17
CA LEU A 28 0.22 25.12 15.93
C LEU A 28 1.66 25.59 15.72
N GLN A 29 2.54 25.35 16.70
CA GLN A 29 3.95 25.80 16.72
C GLN A 29 4.14 27.29 16.31
N GLU A 30 3.11 28.14 16.50
CA GLU A 30 3.19 29.55 16.07
CA GLU A 30 3.15 29.55 16.06
C GLU A 30 3.46 29.68 14.57
N ARG A 31 2.94 28.73 13.77
CA ARG A 31 3.38 28.53 12.40
C ARG A 31 2.35 27.89 11.44
N TYR A 32 1.74 26.79 11.85
CA TYR A 32 0.85 26.05 10.96
C TYR A 32 -0.59 26.43 11.21
N GLU A 33 -1.20 27.04 10.21
CA GLU A 33 -2.59 27.45 10.33
C GLU A 33 -3.49 26.43 9.67
N ILE A 34 -4.45 25.87 10.40
CA ILE A 34 -5.37 24.86 9.84
C ILE A 34 -6.40 25.45 8.89
N VAL A 35 -6.52 24.89 7.70
CA VAL A 35 -7.38 25.44 6.67
C VAL A 35 -8.38 24.43 6.10
N GLY A 36 -8.24 23.18 6.48
CA GLY A 36 -9.13 22.12 6.02
C GLY A 36 -8.88 20.74 6.61
N ASN A 37 -9.82 19.84 6.34
CA ASN A 37 -9.74 18.46 6.79
C ASN A 37 -9.36 17.59 5.61
N LEU A 38 -8.56 16.55 5.86
CA LEU A 38 -8.18 15.64 4.77
C LEU A 38 -8.59 14.22 5.11
N GLY A 39 -8.34 13.84 6.36
CA GLY A 39 -8.56 12.44 6.77
C GLY A 39 -8.64 12.19 8.26
N GLU A 40 -9.05 10.96 8.60
N GLU A 40 -9.07 10.97 8.60
CA GLU A 40 -9.08 10.48 9.99
CA GLU A 40 -9.09 10.48 9.97
C GLU A 40 -8.98 8.96 9.96
C GLU A 40 -9.00 8.95 9.98
N GLY A 41 -8.23 8.42 10.92
CA GLY A 41 -8.15 6.99 11.13
C GLY A 41 -7.99 6.67 12.60
N THR A 42 -7.66 5.42 12.87
CA THR A 42 -7.44 5.00 14.25
C THR A 42 -6.20 5.64 14.83
N PHE A 43 -5.28 6.13 13.98
CA PHE A 43 -4.08 6.83 14.44
C PHE A 43 -4.29 8.26 14.93
N GLY A 44 -5.31 8.93 14.43
CA GLY A 44 -5.40 10.38 14.57
C GLY A 44 -6.09 10.99 13.39
N LYS A 45 -5.66 12.21 13.02
CA LYS A 45 -6.27 12.97 11.94
CA LYS A 45 -6.24 12.82 11.85
C LYS A 45 -5.19 13.46 10.95
N VAL A 46 -5.63 13.81 9.74
CA VAL A 46 -4.78 14.45 8.75
C VAL A 46 -5.54 15.76 8.45
N VAL A 47 -4.88 16.89 8.66
CA VAL A 47 -5.44 18.22 8.37
C VAL A 47 -4.56 19.00 7.39
N GLU A 48 -5.19 19.86 6.60
CA GLU A 48 -4.49 20.67 5.61
C GLU A 48 -4.17 21.98 6.31
N CYS A 49 -2.91 22.43 6.20
CA CYS A 49 -2.44 23.66 6.87
C CYS A 49 -1.73 24.56 5.86
N LEU A 50 -1.55 25.82 6.24
CA LEU A 50 -0.64 26.69 5.57
C LEU A 50 0.49 26.91 6.53
N ASP A 51 1.71 26.78 6.02
CA ASP A 51 2.91 27.00 6.82
C ASP A 51 3.45 28.43 6.68
N HIS A 52 3.13 29.25 7.67
CA HIS A 52 3.42 30.67 7.65
C HIS A 52 4.88 31.00 7.83
N ALA A 53 5.70 30.05 8.28
CA ALA A 53 7.16 30.21 8.30
C ALA A 53 7.81 29.91 6.94
N ARG A 54 7.04 29.39 5.99
CA ARG A 54 7.58 29.01 4.71
C ARG A 54 6.74 29.52 3.57
N GLY A 55 6.33 30.77 3.66
CA GLY A 55 5.58 31.45 2.60
C GLY A 55 4.17 30.94 2.35
N LYS A 56 3.53 30.44 3.40
CA LYS A 56 2.19 29.86 3.33
C LYS A 56 2.10 28.67 2.37
N SER A 57 3.12 27.84 2.39
CA SER A 57 3.16 26.59 1.66
CA SER A 57 3.12 26.61 1.62
C SER A 57 2.06 25.66 2.18
N GLN A 58 1.59 24.75 1.34
CA GLN A 58 0.55 23.81 1.68
C GLN A 58 1.18 22.64 2.36
N VAL A 59 0.55 22.19 3.44
CA VAL A 59 1.03 21.10 4.28
C VAL A 59 -0.15 20.16 4.61
N ALA A 60 0.12 18.86 4.60
CA ALA A 60 -0.75 17.87 5.24
C ALA A 60 -0.10 17.50 6.55
N LEU A 61 -0.78 17.79 7.67
CA LEU A 61 -0.26 17.54 9.01
C LEU A 61 -1.02 16.33 9.60
N LYS A 62 -0.23 15.33 9.96
CA LYS A 62 -0.71 14.12 10.50
C LYS A 62 -0.60 14.39 11.97
N ILE A 63 -1.73 14.43 12.64
CA ILE A 63 -1.84 14.69 14.08
C ILE A 63 -2.28 13.42 14.83
N ILE A 64 -1.34 12.86 15.59
CA ILE A 64 -1.50 11.54 16.24
C ILE A 64 -2.24 11.65 17.55
N ARG A 65 -3.14 10.72 17.81
CA ARG A 65 -3.80 10.66 19.08
C ARG A 65 -2.83 10.74 20.26
N ASN A 66 -3.35 11.29 21.35
CA ASN A 66 -2.58 11.54 22.53
C ASN A 66 -2.74 10.29 23.39
N VAL A 67 -2.21 9.20 22.88
CA VAL A 67 -2.34 7.88 23.52
C VAL A 67 -0.91 7.29 23.44
N GLY A 68 -0.32 6.93 24.59
CA GLY A 68 1.08 6.46 24.64
C GLY A 68 1.53 5.60 23.49
N LYS A 69 0.76 4.55 23.16
CA LYS A 69 1.26 3.62 22.14
C LYS A 69 1.28 4.23 20.74
N TYR A 70 0.35 5.13 20.43
CA TYR A 70 0.38 5.83 19.17
C TYR A 70 1.50 6.85 19.13
N ARG A 71 1.76 7.49 20.26
CA ARG A 71 2.85 8.46 20.34
C ARG A 71 4.20 7.71 20.14
N GLU A 72 4.33 6.52 20.73
CA GLU A 72 5.56 5.71 20.57
C GLU A 72 5.72 5.32 19.11
N ALA A 73 4.65 4.85 18.47
CA ALA A 73 4.70 4.52 17.00
C ALA A 73 5.04 5.69 16.08
N ALA A 74 4.51 6.88 16.37
CA ALA A 74 4.80 8.03 15.51
C ALA A 74 6.29 8.46 15.68
N ARG A 75 6.80 8.41 16.90
CA ARG A 75 8.25 8.55 17.13
C ARG A 75 9.11 7.61 16.31
N LEU A 76 8.69 6.34 16.24
CA LEU A 76 9.39 5.36 15.39
CA LEU A 76 9.40 5.37 15.38
C LEU A 76 9.27 5.80 13.93
N GLU A 77 8.09 6.25 13.53
CA GLU A 77 7.88 6.73 12.18
C GLU A 77 8.80 7.93 11.82
N ILE A 78 8.88 8.90 12.70
CA ILE A 78 9.78 10.03 12.52
C ILE A 78 11.24 9.57 12.34
N ASN A 79 11.70 8.67 13.21
CA ASN A 79 13.08 8.18 13.10
C ASN A 79 13.34 7.46 11.78
N VAL A 80 12.38 6.67 11.31
CA VAL A 80 12.50 6.04 9.99
C VAL A 80 12.59 7.08 8.88
N LEU A 81 11.69 8.06 8.91
CA LEU A 81 11.60 9.11 7.88
C LEU A 81 12.94 9.92 7.81
N LYS A 82 13.56 10.12 8.95
CA LYS A 82 14.87 10.78 8.97
C LYS A 82 15.94 9.98 8.21
N LYS A 83 15.99 8.67 8.49
CA LYS A 83 16.94 7.78 7.85
C LYS A 83 16.62 7.77 6.41
N ILE A 84 15.34 7.72 6.04
CA ILE A 84 15.03 7.64 4.62
C ILE A 84 15.50 8.91 3.91
N LYS A 85 15.20 10.06 4.48
CA LYS A 85 15.70 11.32 3.92
C LYS A 85 17.23 11.37 3.76
N GLU A 86 18.00 10.85 4.71
CA GLU A 86 19.48 10.81 4.57
C GLU A 86 19.92 10.12 3.29
N LYS A 87 19.20 9.08 2.92
CA LYS A 87 19.56 8.25 1.78
C LYS A 87 19.03 8.79 0.46
N ASP A 88 18.06 9.70 0.54
CA ASP A 88 17.45 10.30 -0.64
C ASP A 88 17.24 11.78 -0.36
N LYS A 89 18.35 12.49 -0.22
CA LYS A 89 18.35 13.92 0.06
C LYS A 89 17.69 14.74 -1.03
N GLU A 90 17.77 14.28 -2.27
CA GLU A 90 17.12 14.99 -3.40
C GLU A 90 15.65 14.61 -3.63
N ASN A 91 15.11 13.73 -2.76
CA ASN A 91 13.72 13.36 -2.84
C ASN A 91 13.33 12.96 -4.27
N LYS A 92 14.06 11.97 -4.82
CA LYS A 92 13.91 11.45 -6.19
C LYS A 92 13.14 10.11 -6.29
N PHE A 93 12.94 9.43 -5.15
CA PHE A 93 12.43 8.05 -5.16
C PHE A 93 11.00 7.90 -4.66
N LEU A 94 10.23 8.98 -4.82
CA LEU A 94 8.74 8.90 -4.80
C LEU A 94 8.13 8.57 -3.42
N CYS A 95 8.89 8.87 -2.38
CA CYS A 95 8.47 8.63 -1.01
C CYS A 95 7.93 9.94 -0.45
N VAL A 96 6.92 9.82 0.39
CA VAL A 96 6.38 10.92 1.15
C VAL A 96 7.25 11.15 2.42
N LEU A 97 8.17 12.09 2.32
CA LEU A 97 9.09 12.43 3.45
C LEU A 97 8.58 13.67 4.22
N MET A 98 8.93 13.76 5.50
CA MET A 98 8.45 14.84 6.30
C MET A 98 9.25 16.12 6.11
N SER A 99 8.58 17.25 6.24
CA SER A 99 9.25 18.56 6.31
C SER A 99 9.49 19.02 7.76
N ASP A 100 8.75 18.46 8.71
CA ASP A 100 8.85 18.87 10.10
C ASP A 100 8.13 17.85 10.98
N TRP A 101 8.43 17.87 12.27
CA TRP A 101 7.69 17.10 13.24
C TRP A 101 7.75 17.83 14.57
N PHE A 102 6.72 17.65 15.41
CA PHE A 102 6.68 18.22 16.77
C PHE A 102 5.70 17.49 17.69
N ASN A 103 5.91 17.62 19.02
CA ASN A 103 5.00 17.08 20.05
C ASN A 103 4.12 18.25 20.47
N PHE A 104 2.87 18.23 20.05
CA PHE A 104 1.89 19.28 20.43
C PHE A 104 1.05 18.78 21.59
N HIS A 105 1.45 19.13 22.81
CA HIS A 105 0.76 18.64 24.02
C HIS A 105 0.42 17.19 24.07
N GLY A 106 1.34 16.33 23.67
CA GLY A 106 1.12 14.87 23.65
C GLY A 106 0.78 14.25 22.33
N HIS A 107 0.29 15.11 21.43
CA HIS A 107 -0.02 14.71 20.04
C HIS A 107 1.24 14.92 19.18
N MET A 108 1.77 13.85 18.65
CA MET A 108 2.87 13.93 17.67
C MET A 108 2.27 14.37 16.35
N CYS A 109 2.92 15.32 15.72
CA CYS A 109 2.44 15.91 14.48
C CYS A 109 3.60 15.81 13.50
N ILE A 110 3.29 15.40 12.27
CA ILE A 110 4.32 15.19 11.24
C ILE A 110 3.77 15.91 10.02
N ALA A 111 4.55 16.85 9.51
CA ALA A 111 4.17 17.68 8.38
C ALA A 111 4.70 17.03 7.08
N PHE A 112 3.81 16.90 6.11
CA PHE A 112 4.17 16.33 4.81
C PHE A 112 3.71 17.28 3.71
N GLU A 113 4.20 17.07 2.49
CA GLU A 113 3.65 17.73 1.31
C GLU A 113 2.17 17.39 1.19
N LEU A 114 1.41 18.29 0.59
CA LEU A 114 -0.01 18.07 0.38
C LEU A 114 -0.16 17.27 -0.92
N LEU A 115 -0.89 16.17 -0.84
CA LEU A 115 -1.13 15.29 -1.96
C LEU A 115 -2.62 15.18 -2.23
N GLY A 116 -2.98 14.48 -3.32
CA GLY A 116 -4.36 14.15 -3.62
C GLY A 116 -4.85 12.92 -2.87
N LYS A 117 -5.92 12.35 -3.41
CA LYS A 117 -6.54 11.16 -2.85
C LYS A 117 -5.59 9.98 -2.89
N ASN A 118 -5.74 9.12 -1.90
CA ASN A 118 -5.05 7.87 -1.93
C ASN A 118 -5.71 7.00 -3.00
N THR A 119 -4.99 6.01 -3.46
CA THR A 119 -5.45 5.13 -4.51
C THR A 119 -6.63 4.22 -4.13
N PHE A 120 -6.89 3.98 -2.85
CA PHE A 120 -8.12 3.27 -2.48
C PHE A 120 -9.30 4.22 -2.58
N GLU A 121 -9.18 5.40 -1.97
CA GLU A 121 -10.27 6.36 -1.96
C GLU A 121 -10.67 6.74 -3.37
N PHE A 122 -9.70 6.95 -4.24
CA PHE A 122 -10.04 7.20 -5.61
C PHE A 122 -10.85 6.07 -6.26
N LEU A 123 -10.42 4.83 -6.05
CA LEU A 123 -11.13 3.67 -6.64
C LEU A 123 -12.57 3.66 -6.07
N LYS A 124 -12.67 3.88 -4.77
CA LYS A 124 -13.95 3.85 -4.09
C LYS A 124 -14.90 4.97 -4.62
N GLU A 125 -14.37 6.17 -4.85
CA GLU A 125 -15.23 7.25 -5.32
CA GLU A 125 -15.16 7.30 -5.37
C GLU A 125 -15.51 7.10 -6.85
N ASN A 126 -14.86 6.12 -7.47
CA ASN A 126 -15.17 5.66 -8.83
C ASN A 126 -16.08 4.42 -8.80
N ASN A 127 -16.78 4.21 -7.70
CA ASN A 127 -17.62 3.04 -7.50
C ASN A 127 -16.91 1.73 -7.81
N PHE A 128 -15.63 1.63 -7.41
CA PHE A 128 -14.85 0.42 -7.60
C PHE A 128 -14.67 -0.04 -9.04
N GLN A 129 -14.97 0.85 -9.99
CA GLN A 129 -14.55 0.62 -11.38
C GLN A 129 -13.02 0.72 -11.48
N PRO A 130 -12.38 -0.26 -12.10
CA PRO A 130 -10.93 -0.34 -11.99
C PRO A 130 -10.22 0.69 -12.78
N TYR A 131 -8.95 0.90 -12.47
CA TYR A 131 -8.09 1.72 -13.35
C TYR A 131 -7.82 1.06 -14.71
N PRO A 132 -7.78 1.85 -15.81
CA PRO A 132 -7.39 1.27 -17.05
C PRO A 132 -5.94 0.78 -17.08
N LEU A 133 -5.65 -0.18 -17.94
CA LEU A 133 -4.35 -0.84 -17.94
CA LEU A 133 -4.35 -0.83 -17.93
C LEU A 133 -3.18 0.17 -18.00
N PRO A 134 -3.28 1.22 -18.83
CA PRO A 134 -2.14 2.18 -18.91
C PRO A 134 -1.80 2.90 -17.58
N HIS A 135 -2.85 3.19 -16.79
CA HIS A 135 -2.74 3.78 -15.47
C HIS A 135 -2.15 2.77 -14.54
N VAL A 136 -2.67 1.54 -14.56
CA VAL A 136 -2.11 0.43 -13.79
C VAL A 136 -0.63 0.26 -14.12
N ARG A 137 -0.29 0.25 -15.40
CA ARG A 137 1.12 0.08 -15.77
C ARG A 137 2.04 1.18 -15.19
N HIS A 138 1.62 2.43 -15.35
CA HIS A 138 2.39 3.55 -14.82
C HIS A 138 2.49 3.47 -13.33
N MET A 139 1.37 3.16 -12.68
CA MET A 139 1.41 3.05 -11.23
C MET A 139 2.34 1.92 -10.79
N ALA A 140 2.30 0.79 -11.49
CA ALA A 140 3.20 -0.33 -11.20
C ALA A 140 4.67 0.08 -11.29
N TYR A 141 5.00 0.84 -12.33
CA TYR A 141 6.37 1.24 -12.59
C TYR A 141 6.92 2.09 -11.48
N GLN A 142 6.12 3.07 -11.09
CA GLN A 142 6.47 3.96 -9.98
C GLN A 142 6.66 3.25 -8.64
N LEU A 143 5.80 2.28 -8.37
CA LEU A 143 5.90 1.51 -7.16
C LEU A 143 7.11 0.61 -7.11
N CYS A 144 7.39 -0.08 -8.20
CA CYS A 144 8.62 -0.84 -8.38
C CYS A 144 9.86 0.05 -8.19
N HIS A 145 9.84 1.26 -8.75
CA HIS A 145 10.94 2.23 -8.59
C HIS A 145 11.14 2.65 -7.17
N ALA A 146 10.07 3.07 -6.49
CA ALA A 146 10.17 3.61 -5.13
C ALA A 146 10.72 2.53 -4.22
N LEU A 147 10.15 1.32 -4.35
CA LEU A 147 10.44 0.24 -3.39
C LEU A 147 11.78 -0.40 -3.67
N ARG A 148 12.20 -0.38 -4.92
CA ARG A 148 13.52 -0.95 -5.29
C ARG A 148 14.59 -0.14 -4.59
N PHE A 149 14.35 1.16 -4.54
CA PHE A 149 15.24 2.06 -3.83
C PHE A 149 15.34 1.75 -2.33
N LEU A 150 14.22 1.55 -1.66
CA LEU A 150 14.26 1.21 -0.26
C LEU A 150 14.90 -0.18 -0.08
N HIS A 151 14.60 -1.13 -0.96
CA HIS A 151 15.14 -2.49 -0.83
C HIS A 151 16.63 -2.51 -0.94
N GLU A 152 17.17 -1.62 -1.76
CA GLU A 152 18.60 -1.58 -1.93
CA GLU A 152 18.60 -1.44 -1.98
C GLU A 152 19.31 -0.80 -0.81
N ASN A 153 18.53 -0.19 0.06
CA ASN A 153 19.03 0.49 1.23
C ASN A 153 18.64 -0.26 2.50
N GLN A 154 18.47 -1.57 2.36
CA GLN A 154 18.23 -2.49 3.47
C GLN A 154 16.92 -2.24 4.26
N LEU A 155 15.90 -1.70 3.59
CA LEU A 155 14.66 -1.39 4.22
C LEU A 155 13.53 -2.18 3.59
N THR A 156 12.58 -2.64 4.40
CA THR A 156 11.36 -3.23 3.91
C THR A 156 10.20 -2.39 4.48
N HIS A 157 9.21 -2.07 3.67
CA HIS A 157 8.07 -1.21 4.09
C HIS A 157 7.16 -2.02 5.04
N THR A 158 6.77 -3.22 4.59
CA THR A 158 5.97 -4.23 5.38
C THR A 158 4.48 -3.97 5.43
N ASP A 159 4.04 -2.81 4.97
CA ASP A 159 2.62 -2.50 5.00
C ASP A 159 2.06 -1.77 3.82
N LEU A 160 2.46 -2.19 2.63
CA LEU A 160 2.01 -1.58 1.41
C LEU A 160 0.55 -1.99 1.15
N LYS A 161 -0.26 -1.02 0.77
CA LYS A 161 -1.63 -1.24 0.44
C LYS A 161 -2.12 -0.01 -0.31
N PRO A 162 -3.24 -0.12 -1.00
CA PRO A 162 -3.68 0.98 -1.83
C PRO A 162 -3.81 2.29 -1.08
N GLU A 163 -4.27 2.24 0.16
CA GLU A 163 -4.50 3.46 0.93
C GLU A 163 -3.22 4.19 1.36
N ASN A 164 -2.06 3.54 1.34
CA ASN A 164 -0.76 4.12 1.62
CA ASN A 164 -0.85 4.31 1.62
C ASN A 164 -0.03 4.64 0.36
N ILE A 165 -0.71 4.56 -0.80
CA ILE A 165 -0.19 5.07 -2.08
CA ILE A 165 -0.19 5.06 -2.08
C ILE A 165 -1.10 6.23 -2.52
N LEU A 166 -0.54 7.40 -2.73
CA LEU A 166 -1.36 8.58 -2.97
C LEU A 166 -1.01 9.20 -4.30
N PHE A 167 -2.01 9.62 -5.05
CA PHE A 167 -1.76 10.50 -6.21
C PHE A 167 -1.23 11.88 -5.78
N VAL A 168 -0.25 12.42 -6.55
CA VAL A 168 0.22 13.78 -6.39
C VAL A 168 -0.94 14.73 -6.60
N ASN A 169 -1.77 14.45 -7.61
CA ASN A 169 -3.00 15.25 -7.85
C ASN A 169 -4.08 14.31 -8.39
N SER A 170 -5.20 14.23 -7.71
CA SER A 170 -6.24 13.28 -8.08
C SER A 170 -7.38 13.91 -8.91
N GLU A 171 -7.17 15.10 -9.48
CA GLU A 171 -8.19 15.66 -10.40
C GLU A 171 -8.48 14.67 -11.51
N PHE A 172 -9.74 14.64 -11.96
CA PHE A 172 -10.23 13.61 -12.92
C PHE A 172 -11.20 14.13 -13.97
N GLU A 173 -11.21 13.47 -15.12
CA GLU A 173 -12.17 13.73 -16.17
C GLU A 173 -13.30 12.75 -15.93
N THR A 174 -14.54 13.15 -16.16
CA THR A 174 -15.68 12.24 -16.06
C THR A 174 -16.07 11.83 -17.46
N LEU A 175 -16.02 10.52 -17.72
CA LEU A 175 -16.30 9.96 -19.05
C LEU A 175 -17.49 8.97 -19.03
N TYR A 176 -18.17 8.79 -20.17
CA TYR A 176 -19.19 7.75 -20.27
C TYR A 176 -18.52 6.42 -20.59
N ASN A 177 -18.70 5.43 -19.71
CA ASN A 177 -18.13 4.09 -19.91
C ASN A 177 -18.64 3.50 -21.23
N GLU A 178 -17.74 3.00 -22.05
CA GLU A 178 -18.09 2.58 -23.42
C GLU A 178 -19.05 1.37 -23.37
N HIS A 179 -18.83 0.50 -22.45
CA HIS A 179 -19.47 -0.79 -22.46
C HIS A 179 -20.41 -1.01 -21.31
N LYS A 180 -20.58 -0.01 -20.45
CA LYS A 180 -21.55 -0.09 -19.35
C LYS A 180 -22.44 1.15 -19.34
N SER A 181 -23.57 1.08 -18.68
CA SER A 181 -24.54 2.17 -18.71
C SER A 181 -24.20 3.11 -17.54
N CYS A 182 -22.98 3.64 -17.48
CA CYS A 182 -22.57 4.52 -16.37
C CYS A 182 -21.39 5.43 -16.65
N GLU A 183 -21.21 6.42 -15.76
CA GLU A 183 -20.04 7.30 -15.78
C GLU A 183 -18.83 6.69 -15.11
N GLU A 184 -17.67 7.18 -15.52
CA GLU A 184 -16.38 6.75 -15.01
C GLU A 184 -15.46 7.95 -14.75
N LYS A 185 -14.74 7.91 -13.63
CA LYS A 185 -13.77 8.95 -13.25
C LYS A 185 -12.38 8.43 -13.59
N SER A 186 -11.66 9.20 -14.41
CA SER A 186 -10.34 8.82 -14.92
C SER A 186 -9.37 9.90 -14.46
N VAL A 187 -8.37 9.52 -13.65
CA VAL A 187 -7.41 10.48 -13.06
C VAL A 187 -6.62 11.12 -14.22
N LYS A 188 -6.33 12.42 -14.12
CA LYS A 188 -5.69 13.12 -15.22
C LYS A 188 -4.17 12.89 -15.18
N ASN A 189 -3.64 12.70 -14.00
CA ASN A 189 -2.22 12.43 -13.87
C ASN A 189 -2.03 11.29 -12.94
N THR A 190 -1.32 10.24 -13.37
CA THR A 190 -1.13 9.05 -12.59
C THR A 190 0.19 8.98 -11.79
N SER A 191 0.82 10.14 -11.52
CA SER A 191 1.97 10.22 -10.60
C SER A 191 1.49 9.92 -9.21
N ILE A 192 2.22 9.05 -8.53
CA ILE A 192 1.94 8.61 -7.19
C ILE A 192 3.19 8.70 -6.29
N ARG A 193 2.93 8.64 -4.98
CA ARG A 193 3.94 8.70 -3.92
C ARG A 193 3.60 7.65 -2.88
N VAL A 194 4.63 7.04 -2.30
CA VAL A 194 4.43 6.02 -1.26
C VAL A 194 4.54 6.62 0.12
N ALA A 195 3.55 6.33 0.95
CA ALA A 195 3.56 6.87 2.31
C ALA A 195 3.54 5.75 3.37
N ASP A 196 3.54 6.21 4.63
CA ASP A 196 3.33 5.43 5.85
C ASP A 196 4.41 4.40 6.19
N PHE A 197 5.55 4.92 6.64
CA PHE A 197 6.79 4.18 6.89
C PHE A 197 6.94 3.75 8.36
N GLY A 198 5.87 3.93 9.14
CA GLY A 198 5.93 3.64 10.57
C GLY A 198 6.29 2.20 10.94
N SER A 199 5.99 1.25 10.08
CA SER A 199 6.31 -0.18 10.32
C SER A 199 7.54 -0.61 9.50
N ALA A 200 8.13 0.32 8.75
CA ALA A 200 9.26 0.02 7.85
C ALA A 200 10.42 -0.49 8.70
N THR A 201 11.07 -1.58 8.28
CA THR A 201 12.08 -2.20 9.14
C THR A 201 13.40 -2.41 8.34
N PHE A 202 14.52 -1.98 8.90
CA PHE A 202 15.86 -2.26 8.34
C PHE A 202 16.29 -3.72 8.58
N ASP A 203 17.09 -4.25 7.67
CA ASP A 203 17.64 -5.62 7.82
C ASP A 203 18.14 -5.96 9.24
N HIS A 204 18.88 -5.05 9.86
CA HIS A 204 19.50 -5.31 11.18
C HIS A 204 18.56 -5.16 12.36
N GLU A 205 17.34 -4.70 12.13
CA GLU A 205 16.40 -4.43 13.22
C GLU A 205 15.48 -5.65 13.45
N HIS A 206 14.84 -5.65 14.61
CA HIS A 206 13.95 -6.73 15.05
C HIS A 206 12.81 -6.95 14.09
N HIS A 207 12.63 -8.19 13.63
CA HIS A 207 11.49 -8.53 12.71
C HIS A 207 10.40 -9.22 13.52
N THR A 208 9.24 -8.62 13.63
CA THR A 208 8.14 -9.26 14.36
C THR A 208 7.65 -10.44 13.49
N THR A 209 7.08 -11.44 14.13
CA THR A 209 6.54 -12.61 13.52
C THR A 209 5.55 -12.26 12.40
N ILE A 210 4.60 -11.39 12.69
CA ILE A 210 3.54 -11.04 11.72
C ILE A 210 3.65 -9.59 11.30
N VAL A 211 3.68 -9.36 9.99
CA VAL A 211 3.63 -8.00 9.44
C VAL A 211 2.60 -7.99 8.32
N ALA A 212 2.30 -6.77 7.81
CA ALA A 212 1.37 -6.50 6.72
C ALA A 212 -0.08 -6.48 7.16
N THR A 213 -0.91 -5.74 6.44
CA THR A 213 -2.36 -5.87 6.61
C THR A 213 -2.75 -7.15 5.94
N ARG A 214 -3.65 -7.92 6.54
CA ARG A 214 -3.95 -9.26 6.07
C ARG A 214 -4.13 -9.52 4.57
N HIS A 215 -4.92 -8.70 3.89
CA HIS A 215 -5.17 -8.91 2.50
C HIS A 215 -3.91 -8.89 1.64
N TYR A 216 -2.85 -8.22 2.13
CA TYR A 216 -1.61 -8.01 1.39
C TYR A 216 -0.46 -8.82 1.98
N ARG A 217 -0.79 -9.71 2.91
CA ARG A 217 0.19 -10.43 3.72
C ARG A 217 0.64 -11.67 2.97
N PRO A 218 1.97 -11.91 2.82
CA PRO A 218 2.44 -13.09 2.12
C PRO A 218 2.47 -14.42 2.90
N PRO A 219 2.52 -15.54 2.17
CA PRO A 219 2.41 -16.82 2.78
C PRO A 219 3.55 -17.11 3.76
N GLU A 220 4.77 -16.62 3.47
CA GLU A 220 5.88 -16.82 4.42
C GLU A 220 5.64 -16.26 5.81
N VAL A 221 4.90 -15.17 5.89
CA VAL A 221 4.53 -14.60 7.19
C VAL A 221 3.45 -15.42 7.85
N ILE A 222 2.42 -15.81 7.05
CA ILE A 222 1.36 -16.74 7.57
C ILE A 222 1.99 -17.98 8.17
N LEU A 223 2.94 -18.56 7.46
CA LEU A 223 3.59 -19.77 7.89
C LEU A 223 4.74 -19.50 8.92
N GLU A 224 4.94 -18.25 9.30
CA GLU A 224 5.98 -17.87 10.28
C GLU A 224 7.38 -18.34 9.91
N LEU A 225 7.70 -18.25 8.63
CA LEU A 225 9.00 -18.68 8.12
C LEU A 225 10.08 -17.53 8.15
N GLY A 226 9.73 -16.37 8.66
CA GLY A 226 10.58 -15.19 8.52
C GLY A 226 10.31 -14.44 7.22
N TRP A 227 10.73 -13.18 7.15
CA TRP A 227 10.40 -12.35 6.01
C TRP A 227 11.48 -11.31 5.83
N ALA A 228 11.49 -10.75 4.62
CA ALA A 228 12.41 -9.70 4.27
C ALA A 228 11.77 -8.90 3.14
N GLN A 229 12.57 -8.27 2.29
CA GLN A 229 12.08 -7.46 1.19
C GLN A 229 11.04 -8.13 0.30
N PRO A 230 11.10 -9.46 0.07
CA PRO A 230 10.09 -10.07 -0.83
C PRO A 230 8.64 -9.93 -0.35
N CYS A 231 8.43 -9.78 0.95
CA CYS A 231 7.14 -9.40 1.54
CA CYS A 231 7.09 -9.49 1.44
C CYS A 231 6.47 -8.24 0.77
N ASP A 232 7.24 -7.19 0.53
CA ASP A 232 6.73 -6.01 -0.20
C ASP A 232 6.35 -6.37 -1.61
N VAL A 233 7.06 -7.33 -2.22
CA VAL A 233 6.79 -7.68 -3.62
C VAL A 233 5.42 -8.36 -3.73
N TRP A 234 5.12 -9.23 -2.77
CA TRP A 234 3.84 -9.92 -2.71
C TRP A 234 2.73 -8.87 -2.59
N SER A 235 2.95 -7.89 -1.72
CA SER A 235 1.95 -6.86 -1.44
C SER A 235 1.70 -6.09 -2.76
N ILE A 236 2.77 -5.75 -3.45
CA ILE A 236 2.66 -5.06 -4.73
C ILE A 236 1.81 -5.86 -5.72
N GLY A 237 2.03 -7.16 -5.81
CA GLY A 237 1.26 -8.08 -6.71
C GLY A 237 -0.25 -8.02 -6.42
N CYS A 238 -0.58 -8.06 -5.13
CA CYS A 238 -1.94 -7.82 -4.58
C CYS A 238 -2.54 -6.47 -4.92
N ILE A 239 -1.74 -5.43 -4.80
CA ILE A 239 -2.20 -4.08 -5.08
C ILE A 239 -2.50 -3.95 -6.58
N LEU A 240 -1.62 -4.50 -7.42
CA LEU A 240 -1.82 -4.37 -8.85
C LEU A 240 -3.08 -5.06 -9.32
N PHE A 241 -3.34 -6.26 -8.78
CA PHE A 241 -4.61 -6.96 -9.02
C PHE A 241 -5.79 -6.07 -8.67
N GLU A 242 -5.75 -5.50 -7.50
CA GLU A 242 -6.80 -4.59 -7.02
C GLU A 242 -7.05 -3.35 -7.96
N TYR A 243 -5.98 -2.74 -8.43
CA TYR A 243 -6.10 -1.62 -9.35
C TYR A 243 -6.76 -2.06 -10.66
N TYR A 244 -6.46 -3.29 -11.09
CA TYR A 244 -6.81 -3.77 -12.44
C TYR A 244 -8.25 -4.27 -12.44
N ARG A 245 -8.71 -4.85 -11.31
CA ARG A 245 -10.05 -5.39 -11.24
C ARG A 245 -11.00 -4.55 -10.40
N GLY A 246 -10.47 -3.86 -9.41
CA GLY A 246 -11.28 -2.97 -8.57
C GLY A 246 -11.78 -3.66 -7.31
N PHE A 247 -11.46 -4.95 -7.21
CA PHE A 247 -11.71 -5.70 -5.98
C PHE A 247 -10.47 -6.44 -5.49
N THR A 248 -10.48 -6.73 -4.21
CA THR A 248 -9.32 -7.31 -3.56
C THR A 248 -9.06 -8.73 -4.03
N LEU A 249 -7.77 -9.07 -4.12
CA LEU A 249 -7.39 -10.41 -4.51
C LEU A 249 -7.74 -11.44 -3.42
N PHE A 250 -7.46 -11.15 -2.16
CA PHE A 250 -7.71 -12.05 -1.07
C PHE A 250 -8.65 -11.43 -0.07
N GLN A 251 -9.96 -11.55 -0.29
CA GLN A 251 -10.94 -10.91 0.57
C GLN A 251 -11.15 -11.82 1.77
N THR A 252 -10.18 -11.84 2.66
CA THR A 252 -10.11 -12.85 3.69
C THR A 252 -9.98 -12.26 5.04
N HIS A 253 -10.40 -12.99 6.05
CA HIS A 253 -10.35 -12.57 7.46
C HIS A 253 -9.54 -13.52 8.37
N GLU A 254 -9.03 -14.60 7.80
CA GLU A 254 -8.47 -15.72 8.61
C GLU A 254 -7.42 -16.52 7.85
N ASN A 255 -6.39 -16.97 8.57
CA ASN A 255 -5.22 -17.68 7.96
C ASN A 255 -5.50 -18.91 7.13
N ARG A 256 -6.27 -19.84 7.66
CA ARG A 256 -6.55 -21.09 6.93
C ARG A 256 -7.27 -20.80 5.63
N GLU A 257 -8.29 -19.95 5.73
CA GLU A 257 -9.03 -19.45 4.55
C GLU A 257 -8.11 -18.80 3.53
N HIS A 258 -7.23 -17.94 4.02
CA HIS A 258 -6.33 -17.23 3.10
C HIS A 258 -5.44 -18.17 2.33
N LEU A 259 -4.88 -19.17 3.03
CA LEU A 259 -4.05 -20.17 2.36
C LEU A 259 -4.83 -20.95 1.33
N VAL A 260 -6.08 -21.29 1.65
CA VAL A 260 -6.92 -21.99 0.68
C VAL A 260 -7.14 -21.14 -0.60
N MET A 261 -7.46 -19.86 -0.42
CA MET A 261 -7.53 -18.91 -1.49
C MET A 261 -6.26 -18.88 -2.27
N MET A 262 -5.11 -18.79 -1.59
CA MET A 262 -3.82 -18.82 -2.34
C MET A 262 -3.69 -20.04 -3.24
N GLU A 263 -4.07 -21.21 -2.71
CA GLU A 263 -4.02 -22.45 -3.45
CA GLU A 263 -3.98 -22.44 -3.51
C GLU A 263 -4.95 -22.43 -4.65
N LYS A 264 -6.16 -21.92 -4.46
CA LYS A 264 -7.10 -21.90 -5.56
C LYS A 264 -6.69 -20.94 -6.64
N ILE A 265 -6.07 -19.83 -6.27
CA ILE A 265 -5.76 -18.80 -7.24
C ILE A 265 -4.39 -19.02 -7.88
N LEU A 266 -3.45 -19.54 -7.11
CA LEU A 266 -2.05 -19.61 -7.53
C LEU A 266 -1.51 -21.02 -7.73
N GLY A 267 -2.12 -22.03 -7.16
CA GLY A 267 -1.62 -23.40 -7.29
C GLY A 267 -1.09 -23.88 -5.95
N PRO A 268 -0.53 -25.09 -5.95
CA PRO A 268 -0.18 -25.70 -4.66
C PRO A 268 0.93 -24.97 -3.93
N ILE A 269 0.85 -24.97 -2.61
CA ILE A 269 1.91 -24.40 -1.76
C ILE A 269 3.08 -25.36 -1.83
N PRO A 270 4.30 -24.88 -2.17
CA PRO A 270 5.44 -25.83 -2.30
C PRO A 270 5.65 -26.67 -1.02
N SER A 271 5.91 -27.96 -1.21
CA SER A 271 6.01 -28.87 -0.09
C SER A 271 7.21 -28.53 0.81
N HIS A 272 8.27 -27.94 0.28
CA HIS A 272 9.40 -27.54 1.14
C HIS A 272 9.01 -26.48 2.19
N MET A 273 8.10 -25.58 1.84
CA MET A 273 7.53 -24.62 2.78
C MET A 273 6.61 -25.30 3.82
N ILE A 274 5.79 -26.24 3.36
CA ILE A 274 4.97 -27.05 4.27
C ILE A 274 5.85 -27.81 5.27
N HIS A 275 6.92 -28.41 4.79
CA HIS A 275 7.80 -29.19 5.68
C HIS A 275 8.50 -28.37 6.73
N ARG A 276 8.78 -27.11 6.45
CA ARG A 276 9.53 -26.24 7.37
C ARG A 276 8.65 -25.52 8.39
N THR A 277 7.42 -25.17 8.02
CA THR A 277 6.59 -24.39 8.92
C THR A 277 6.33 -25.15 10.22
N ARG A 278 6.30 -24.38 11.32
CA ARG A 278 5.75 -24.87 12.57
C ARG A 278 4.20 -24.75 12.64
N LYS A 279 3.58 -24.08 11.69
CA LYS A 279 2.13 -23.98 11.61
C LYS A 279 1.50 -25.21 10.95
N GLN A 280 1.76 -26.39 11.54
CA GLN A 280 1.30 -27.66 10.99
C GLN A 280 -0.24 -27.85 11.15
N LYS A 281 -0.88 -27.09 12.04
CA LYS A 281 -2.35 -27.12 12.18
C LYS A 281 -3.09 -26.81 10.88
N TYR A 282 -2.42 -26.15 9.92
CA TYR A 282 -3.03 -25.90 8.60
C TYR A 282 -2.99 -27.11 7.66
N PHE A 283 -2.27 -28.17 8.02
CA PHE A 283 -2.00 -29.24 7.08
C PHE A 283 -2.37 -30.60 7.66
N TYR A 284 -2.60 -31.54 6.75
CA TYR A 284 -2.91 -32.88 7.05
C TYR A 284 -2.48 -33.71 5.83
N LYS A 285 -1.70 -34.76 6.05
CA LYS A 285 -1.11 -35.57 4.97
C LYS A 285 -0.42 -34.73 3.89
N GLY A 286 0.25 -33.66 4.32
CA GLY A 286 1.04 -32.83 3.42
C GLY A 286 0.22 -31.89 2.55
N GLY A 287 -1.10 -31.83 2.78
CA GLY A 287 -1.97 -30.88 2.08
C GLY A 287 -2.73 -29.99 3.05
N LEU A 288 -3.23 -28.86 2.58
CA LEU A 288 -4.05 -27.99 3.41
C LEU A 288 -5.25 -28.77 3.86
N VAL A 289 -5.61 -28.53 5.11
CA VAL A 289 -6.78 -29.19 5.65
C VAL A 289 -7.81 -28.10 5.99
N TRP A 290 -9.04 -28.30 5.52
CA TRP A 290 -10.10 -27.29 5.69
C TRP A 290 -11.45 -27.89 5.47
N ASP A 291 -12.47 -27.21 6.02
CA ASP A 291 -13.86 -27.67 5.96
C ASP A 291 -14.55 -27.04 4.75
N GLU A 292 -14.76 -27.87 3.73
CA GLU A 292 -15.38 -27.43 2.49
C GLU A 292 -16.86 -27.02 2.65
N ASN A 293 -17.50 -27.47 3.72
CA ASN A 293 -18.93 -27.23 3.94
C ASN A 293 -19.24 -26.04 4.88
N SER A 294 -18.20 -25.46 5.45
CA SER A 294 -18.31 -24.29 6.36
C SER A 294 -18.61 -23.05 5.51
N SER A 295 -18.99 -21.95 6.14
CA SER A 295 -19.19 -20.69 5.43
C SER A 295 -18.00 -20.24 4.67
N ASP A 296 -16.82 -20.29 5.28
CA ASP A 296 -15.61 -19.84 4.56
C ASP A 296 -15.22 -20.78 3.42
N GLY A 297 -15.40 -22.06 3.67
CA GLY A 297 -15.22 -23.11 2.68
C GLY A 297 -16.05 -22.94 1.42
N ARG A 298 -17.33 -22.74 1.62
CA ARG A 298 -18.22 -22.58 0.50
C ARG A 298 -17.92 -21.27 -0.23
N TYR A 299 -17.53 -20.23 0.51
CA TYR A 299 -17.21 -18.93 -0.08
C TYR A 299 -16.02 -18.99 -1.00
N VAL A 300 -14.98 -19.69 -0.54
CA VAL A 300 -13.75 -19.82 -1.30
CA VAL A 300 -13.76 -19.79 -1.32
C VAL A 300 -13.99 -20.69 -2.55
N LYS A 301 -14.77 -21.77 -2.39
CA LYS A 301 -15.03 -22.69 -3.50
C LYS A 301 -15.87 -21.98 -4.58
N GLU A 302 -16.83 -21.15 -4.16
CA GLU A 302 -17.66 -20.43 -5.10
C GLU A 302 -16.88 -19.31 -5.83
N ASN A 303 -16.00 -18.63 -5.11
CA ASN A 303 -15.50 -17.34 -5.55
C ASN A 303 -14.04 -17.26 -6.02
N CYS A 304 -13.19 -18.18 -5.58
CA CYS A 304 -11.74 -18.07 -5.91
C CYS A 304 -11.40 -18.94 -7.10
N LYS A 305 -10.94 -18.32 -8.18
CA LYS A 305 -10.66 -19.00 -9.43
C LYS A 305 -9.16 -18.86 -9.75
N PRO A 306 -8.64 -19.65 -10.72
CA PRO A 306 -7.23 -19.43 -11.10
C PRO A 306 -6.98 -17.97 -11.56
N LEU A 307 -5.82 -17.42 -11.21
CA LEU A 307 -5.47 -16.02 -11.46
C LEU A 307 -5.74 -15.58 -12.89
N LYS A 308 -5.36 -16.41 -13.85
CA LYS A 308 -5.45 -16.06 -15.28
C LYS A 308 -6.91 -15.81 -15.70
N SER A 309 -7.85 -16.47 -15.02
CA SER A 309 -9.28 -16.31 -15.27
C SER A 309 -9.73 -14.83 -15.04
N TYR A 310 -8.95 -14.04 -14.30
CA TYR A 310 -9.34 -12.63 -13.99
C TYR A 310 -8.91 -11.60 -15.02
N MET A 311 -8.21 -12.06 -16.07
CA MET A 311 -7.81 -11.21 -17.20
CA MET A 311 -7.80 -11.21 -17.19
C MET A 311 -9.03 -10.65 -17.93
N LEU A 312 -9.05 -9.34 -18.16
CA LEU A 312 -10.18 -8.69 -18.79
C LEU A 312 -10.12 -8.72 -20.32
N GLN A 313 -8.90 -8.75 -20.88
CA GLN A 313 -8.68 -8.90 -22.31
C GLN A 313 -7.52 -9.87 -22.60
N ASP A 314 -7.45 -10.37 -23.83
CA ASP A 314 -6.46 -11.36 -24.28
C ASP A 314 -5.17 -10.78 -24.82
N SER A 315 -5.09 -9.45 -24.93
CA SER A 315 -4.05 -8.85 -25.79
C SER A 315 -2.72 -8.90 -25.04
N LEU A 316 -1.64 -8.54 -25.75
CA LEU A 316 -0.29 -8.76 -25.23
C LEU A 316 -0.06 -8.04 -23.91
N GLU A 317 -0.44 -6.77 -23.83
CA GLU A 317 -0.22 -6.02 -22.58
C GLU A 317 -0.90 -6.64 -21.35
N HIS A 318 -2.08 -7.27 -21.55
CA HIS A 318 -2.78 -7.96 -20.48
C HIS A 318 -2.10 -9.25 -20.08
N VAL A 319 -1.73 -10.05 -21.07
CA VAL A 319 -0.90 -11.22 -20.81
C VAL A 319 0.39 -10.83 -20.00
N GLN A 320 1.06 -9.74 -20.39
CA GLN A 320 2.33 -9.39 -19.74
C GLN A 320 2.09 -8.98 -18.29
N LEU A 321 1.01 -8.22 -18.06
CA LEU A 321 0.62 -7.80 -16.71
C LEU A 321 0.44 -9.04 -15.88
N PHE A 322 -0.28 -10.01 -16.40
CA PHE A 322 -0.52 -11.22 -15.61
C PHE A 322 0.76 -12.08 -15.38
N ASP A 323 1.67 -12.08 -16.34
CA ASP A 323 2.96 -12.76 -16.12
C ASP A 323 3.70 -12.11 -14.96
N LEU A 324 3.74 -10.79 -14.94
CA LEU A 324 4.42 -10.08 -13.90
C LEU A 324 3.72 -10.31 -12.58
N MET A 325 2.37 -10.23 -12.51
CA MET A 325 1.73 -10.37 -11.20
CA MET A 325 1.66 -10.41 -11.23
C MET A 325 2.01 -11.78 -10.65
N ARG A 326 2.00 -12.79 -11.50
CA ARG A 326 2.19 -14.15 -11.02
C ARG A 326 3.58 -14.38 -10.44
N ARG A 327 4.57 -13.75 -11.06
CA ARG A 327 5.92 -13.74 -10.54
CA ARG A 327 5.94 -13.70 -10.53
C ARG A 327 6.06 -12.95 -9.21
N MET A 328 5.30 -11.90 -9.05
CA MET A 328 5.23 -11.21 -7.76
C MET A 328 4.52 -12.01 -6.70
N LEU A 329 3.64 -12.89 -7.14
CA LEU A 329 2.87 -13.75 -6.23
C LEU A 329 3.44 -15.20 -6.14
N GLU A 330 4.75 -15.38 -6.44
CA GLU A 330 5.42 -16.66 -6.19
CA GLU A 330 5.43 -16.66 -6.18
C GLU A 330 5.35 -17.00 -4.69
N PHE A 331 4.95 -18.23 -4.35
CA PHE A 331 4.90 -18.62 -2.91
C PHE A 331 6.27 -18.52 -2.21
N ASP A 332 7.32 -18.93 -2.89
CA ASP A 332 8.65 -19.04 -2.24
C ASP A 332 9.31 -17.68 -2.31
N PRO A 333 9.49 -17.03 -1.15
CA PRO A 333 10.05 -15.70 -1.21
C PRO A 333 11.43 -15.64 -1.88
N ALA A 334 12.18 -16.72 -1.88
CA ALA A 334 13.53 -16.71 -2.47
C ALA A 334 13.42 -16.70 -3.98
N GLN A 335 12.34 -17.30 -4.51
CA GLN A 335 12.11 -17.45 -5.94
C GLN A 335 11.28 -16.28 -6.51
N ARG A 336 10.58 -15.59 -5.64
CA ARG A 336 9.77 -14.42 -6.05
C ARG A 336 10.63 -13.40 -6.81
N ILE A 337 10.01 -12.76 -7.80
CA ILE A 337 10.68 -11.72 -8.55
C ILE A 337 11.12 -10.57 -7.61
N THR A 338 12.30 -10.02 -7.85
CA THR A 338 12.71 -8.82 -7.16
C THR A 338 12.23 -7.63 -7.98
N LEU A 339 12.27 -6.46 -7.39
CA LEU A 339 11.80 -5.28 -8.08
C LEU A 339 12.78 -4.81 -9.11
N ALA A 340 14.10 -5.00 -8.89
CA ALA A 340 15.09 -4.70 -9.93
C ALA A 340 14.76 -5.52 -11.19
N GLU A 341 14.47 -6.81 -11.02
CA GLU A 341 14.08 -7.65 -12.14
C GLU A 341 12.72 -7.23 -12.72
N ALA A 342 11.74 -6.92 -11.87
CA ALA A 342 10.43 -6.50 -12.34
C ALA A 342 10.56 -5.30 -13.28
N LEU A 343 11.49 -4.40 -13.01
CA LEU A 343 11.62 -3.20 -13.81
C LEU A 343 12.17 -3.48 -15.18
N LEU A 344 12.71 -4.68 -15.40
CA LEU A 344 13.15 -5.13 -16.72
C LEU A 344 12.05 -5.91 -17.45
N HIS A 345 10.88 -6.07 -16.83
CA HIS A 345 9.81 -6.88 -17.44
C HIS A 345 9.22 -6.22 -18.67
N PRO A 346 8.98 -7.01 -19.75
CA PRO A 346 8.36 -6.46 -20.94
C PRO A 346 7.02 -5.72 -20.75
N PHE A 347 6.31 -5.93 -19.65
CA PHE A 347 5.10 -5.20 -19.38
C PHE A 347 5.37 -3.71 -19.49
N PHE A 348 6.56 -3.29 -19.07
CA PHE A 348 6.92 -1.85 -19.00
C PHE A 348 7.37 -1.20 -20.31
N ALA A 349 7.43 -2.02 -21.36
CA ALA A 349 7.68 -1.53 -22.71
C ALA A 349 6.52 -0.62 -23.21
N GLY A 350 5.32 -0.84 -22.66
CA GLY A 350 4.14 -0.01 -22.97
C GLY A 350 4.14 1.43 -22.41
N LEU A 351 5.03 1.75 -21.49
CA LEU A 351 5.06 3.09 -20.88
C LEU A 351 5.41 4.14 -21.93
N THR A 352 4.81 5.33 -21.86
CA THR A 352 5.25 6.45 -22.69
C THR A 352 6.65 6.89 -22.21
N PRO A 353 7.40 7.59 -23.05
CA PRO A 353 8.70 8.11 -22.63
C PRO A 353 8.63 9.07 -21.39
N GLU A 354 7.49 9.76 -21.23
CA GLU A 354 7.31 10.73 -20.15
C GLU A 354 7.18 9.92 -18.84
N GLU A 355 6.36 8.87 -18.87
CA GLU A 355 6.23 7.93 -17.76
C GLU A 355 7.55 7.27 -17.40
N ARG A 356 8.29 6.81 -18.42
CA ARG A 356 9.49 6.03 -18.17
CA ARG A 356 9.51 6.03 -18.19
C ARG A 356 10.60 6.88 -17.56
N SER A 357 10.70 8.14 -18.00
CA SER A 357 11.74 9.05 -17.53
C SER A 357 11.32 9.92 -16.33
N PHE A 358 10.15 9.62 -15.73
CA PHE A 358 9.63 10.37 -14.59
C PHE A 358 9.49 11.87 -14.88
N HIS A 359 8.86 12.20 -16.01
CA HIS A 359 8.54 13.59 -16.33
C HIS A 359 7.05 13.80 -16.35
N THR A 360 6.37 13.21 -15.37
CA THR A 360 4.92 13.36 -15.18
C THR A 360 4.68 14.19 -13.92
#